data_6SRB
#
_entry.id   6SRB
#
_cell.length_a   132.480
_cell.length_b   54.320
_cell.length_c   75.190
_cell.angle_alpha   90.000
_cell.angle_beta   94.130
_cell.angle_gamma   90.000
#
_symmetry.space_group_name_H-M   'C 1 2 1'
#
loop_
_entity.id
_entity.type
_entity.pdbx_description
1 polymer 'Uncharacterized protein'
2 non-polymer GLUTATHIONE
3 water water
#
_entity_poly.entity_id   1
_entity_poly.type   'polypeptide(L)'
_entity_poly.pdbx_seq_one_letter_code
;MSNDGNYIHSHATGLAAKTVEQHQAPQDLVLYAGWFCPYVQRSWISLEEKGIPYQYKEVNPYKKEQHFLDINPKGLVPAI
EYKGKAMYESLILCEFFEDAFPEHTPHLLTTDPFDRAYVRLWVDHVSKQIVPTFMRLVLAQEPEKQQEHLADFYKGLRTL
TDKVRGPYFLGAQFSLVDIALAPWVLRDYILAENRGYEREAAGSAWVAYAKALETRESVLRTQSDKEHYAQIYARYLRNE
AQSEAAKAIRAGKPFHHHHHH
;
_entity_poly.pdbx_strand_id   A,B
#
loop_
_chem_comp.id
_chem_comp.type
_chem_comp.name
_chem_comp.formula
GSH non-polymer GLUTATHIONE 'C10 H17 N3 O6 S'
#
# COMPACT_ATOMS: atom_id res chain seq x y z
N SER A 10 -16.83 -26.17 3.85
CA SER A 10 -17.55 -24.89 3.76
C SER A 10 -17.74 -24.10 5.09
N HIS A 11 -17.21 -24.59 6.21
CA HIS A 11 -17.23 -23.83 7.46
C HIS A 11 -15.92 -24.04 8.19
N ALA A 12 -15.65 -23.17 9.18
CA ALA A 12 -14.43 -23.32 9.94
C ALA A 12 -14.43 -24.65 10.70
N THR A 13 -13.23 -25.15 10.95
CA THR A 13 -13.05 -26.36 11.71
C THR A 13 -11.99 -26.12 12.77
N GLY A 14 -11.84 -27.11 13.64
CA GLY A 14 -10.80 -27.04 14.64
C GLY A 14 -11.01 -25.85 15.55
N LEU A 15 -9.89 -25.27 15.97
CA LEU A 15 -9.88 -24.10 16.83
C LEU A 15 -10.72 -22.97 16.26
N ALA A 16 -10.67 -22.77 14.94
CA ALA A 16 -11.39 -21.68 14.31
C ALA A 16 -12.88 -21.83 14.48
N ALA A 17 -13.38 -23.06 14.47
CA ALA A 17 -14.82 -23.26 14.65
C ALA A 17 -15.27 -22.84 16.04
N LYS A 18 -14.43 -23.04 17.04
CA LYS A 18 -14.76 -22.53 18.38
C LYS A 18 -14.80 -21.00 18.38
N THR A 19 -13.80 -20.37 17.77
CA THR A 19 -13.80 -18.92 17.68
C THR A 19 -15.03 -18.41 16.95
N VAL A 20 -15.38 -19.05 15.81
CA VAL A 20 -16.63 -18.68 15.13
C VAL A 20 -17.82 -18.84 16.06
N GLU A 21 -17.91 -19.99 16.75
CA GLU A 21 -19.06 -20.22 17.63
C GLU A 21 -19.15 -19.13 18.70
N GLN A 22 -18.03 -18.63 19.16
CA GLN A 22 -18.01 -17.60 20.18
C GLN A 22 -18.37 -16.21 19.70
N HIS A 23 -18.57 -16.00 18.39
CA HIS A 23 -18.83 -14.67 17.85
C HIS A 23 -20.07 -14.66 16.96
N GLN A 24 -21.12 -15.35 17.38
CA GLN A 24 -22.37 -15.35 16.65
C GLN A 24 -23.32 -14.26 17.11
N ALA A 25 -23.11 -13.71 18.30
CA ALA A 25 -23.97 -12.65 18.79
C ALA A 25 -23.76 -11.37 17.98
N PRO A 26 -24.79 -10.55 17.84
CA PRO A 26 -24.63 -9.29 17.10
C PRO A 26 -23.75 -8.30 17.86
N GLN A 27 -22.95 -7.57 17.10
CA GLN A 27 -22.03 -6.57 17.62
C GLN A 27 -22.05 -5.37 16.66
N ASP A 28 -21.55 -4.24 17.14
CA ASP A 28 -21.38 -3.06 16.28
C ASP A 28 -20.59 -3.41 15.02
N LEU A 29 -19.50 -4.17 15.18
CA LEU A 29 -18.62 -4.57 14.08
C LEU A 29 -18.97 -5.96 13.61
N VAL A 30 -19.26 -6.08 12.31
CA VAL A 30 -19.54 -7.35 11.65
C VAL A 30 -18.39 -7.64 10.71
N LEU A 31 -17.79 -8.81 10.85
CA LEU A 31 -16.72 -9.27 9.98
C LEU A 31 -17.26 -10.31 8.99
N TYR A 32 -17.24 -9.96 7.72
CA TYR A 32 -17.54 -10.91 6.65
C TYR A 32 -16.28 -11.67 6.29
N ALA A 33 -16.34 -12.99 6.46
CA ALA A 33 -15.15 -13.82 6.49
C ALA A 33 -15.34 -15.06 5.65
N GLY A 34 -14.20 -15.65 5.30
CA GLY A 34 -14.14 -17.02 4.81
C GLY A 34 -13.06 -17.76 5.54
N TRP A 35 -13.41 -18.91 6.12
CA TRP A 35 -12.52 -19.63 7.02
C TRP A 35 -11.22 -20.01 6.35
N PHE A 36 -11.25 -20.23 5.04
CA PHE A 36 -10.10 -20.69 4.26
C PHE A 36 -9.18 -19.56 3.81
N CYS A 37 -9.60 -18.32 3.99
CA CYS A 37 -8.96 -17.17 3.32
C CYS A 37 -7.82 -16.61 4.15
N PRO A 38 -6.58 -16.67 3.67
CA PRO A 38 -5.49 -16.11 4.47
C PRO A 38 -5.58 -14.61 4.62
N TYR A 39 -6.17 -13.90 3.67
CA TYR A 39 -6.36 -12.46 3.84
C TYR A 39 -7.33 -12.15 4.98
N VAL A 40 -8.43 -12.91 5.05
CA VAL A 40 -9.34 -12.79 6.20
C VAL A 40 -8.58 -13.03 7.50
N GLN A 41 -7.67 -14.01 7.51
CA GLN A 41 -6.95 -14.37 8.73
C GLN A 41 -6.15 -13.20 9.27
N ARG A 42 -5.57 -12.38 8.39
CA ARG A 42 -4.85 -11.19 8.82
C ARG A 42 -5.74 -10.34 9.68
N SER A 43 -6.92 -10.05 9.16
CA SER A 43 -7.81 -9.12 9.84
C SER A 43 -8.39 -9.74 11.10
N TRP A 44 -8.74 -11.02 11.03
CA TRP A 44 -9.24 -11.79 12.18
C TRP A 44 -8.22 -11.82 13.32
N ILE A 45 -6.96 -12.04 13.00
CA ILE A 45 -5.90 -12.04 14.01
C ILE A 45 -5.84 -10.71 14.74
N SER A 46 -5.90 -9.60 13.99
CA SER A 46 -5.89 -8.29 14.66
C SER A 46 -7.04 -8.15 15.63
N LEU A 47 -8.25 -8.54 15.24
CA LEU A 47 -9.39 -8.46 16.15
C LEU A 47 -9.15 -9.29 17.41
N GLU A 48 -8.59 -10.49 17.24
CA GLU A 48 -8.36 -11.33 18.40
C GLU A 48 -7.23 -10.79 19.27
N GLU A 49 -6.18 -10.20 18.68
CA GLU A 49 -5.16 -9.51 19.47
C GLU A 49 -5.75 -8.41 20.36
N LYS A 50 -6.60 -7.56 19.79
CA LYS A 50 -7.06 -6.31 20.38
C LYS A 50 -8.34 -6.45 21.21
N GLY A 51 -8.97 -7.62 21.21
CA GLY A 51 -10.20 -7.81 21.99
C GLY A 51 -11.36 -6.96 21.54
N ILE A 52 -11.39 -6.61 20.27
CA ILE A 52 -12.52 -5.81 19.78
C ILE A 52 -13.72 -6.72 19.64
N PRO A 53 -14.89 -6.34 20.15
CA PRO A 53 -16.10 -7.10 19.87
C PRO A 53 -16.36 -7.17 18.38
N TYR A 54 -16.73 -8.37 17.91
CA TYR A 54 -17.14 -8.53 16.53
C TYR A 54 -18.08 -9.72 16.42
N GLN A 55 -18.86 -9.70 15.35
CA GLN A 55 -19.70 -10.81 14.95
C GLN A 55 -19.11 -11.39 13.68
N TYR A 56 -18.93 -12.71 13.65
CA TYR A 56 -18.36 -13.39 12.49
C TYR A 56 -19.48 -13.90 11.60
N LYS A 57 -19.44 -13.55 10.33
CA LYS A 57 -20.37 -14.05 9.33
C LYS A 57 -19.57 -14.77 8.26
N GLU A 58 -19.89 -16.04 8.05
CA GLU A 58 -19.24 -16.82 7.00
C GLU A 58 -19.90 -16.50 5.66
N VAL A 59 -19.09 -16.04 4.71
CA VAL A 59 -19.51 -15.83 3.33
C VAL A 59 -19.10 -17.04 2.52
N ASN A 60 -20.08 -17.81 2.02
CA ASN A 60 -19.84 -18.86 1.04
C ASN A 60 -19.66 -18.24 -0.34
N PRO A 61 -18.49 -18.37 -0.97
CA PRO A 61 -18.25 -17.67 -2.25
C PRO A 61 -19.13 -18.15 -3.39
N TYR A 62 -19.80 -19.29 -3.23
CA TYR A 62 -20.66 -19.84 -4.28
C TYR A 62 -22.12 -19.45 -4.12
N LYS A 63 -22.50 -18.80 -3.01
CA LYS A 63 -23.85 -18.30 -2.77
C LYS A 63 -23.73 -17.07 -1.87
N LYS A 64 -23.34 -15.94 -2.46
CA LYS A 64 -23.18 -14.72 -1.66
C LYS A 64 -24.54 -14.09 -1.37
N GLU A 65 -24.79 -13.83 -0.09
CA GLU A 65 -25.99 -13.13 0.33
C GLU A 65 -26.13 -11.81 -0.41
N GLN A 66 -27.38 -11.43 -0.69
CA GLN A 66 -27.60 -10.16 -1.37
C GLN A 66 -27.10 -8.99 -0.54
N HIS A 67 -27.30 -9.04 0.78
CA HIS A 67 -26.92 -7.91 1.63
C HIS A 67 -25.42 -7.69 1.63
N PHE A 68 -24.64 -8.77 1.68
CA PHE A 68 -23.19 -8.66 1.55
C PHE A 68 -22.81 -8.00 0.22
N LEU A 69 -23.42 -8.46 -0.88
CA LEU A 69 -23.16 -7.85 -2.17
C LEU A 69 -23.67 -6.41 -2.23
N ASP A 70 -24.77 -6.12 -1.52
CA ASP A 70 -25.28 -4.76 -1.49
C ASP A 70 -24.25 -3.79 -0.93
N ILE A 71 -23.74 -4.09 0.27
CA ILE A 71 -22.82 -3.19 0.96
C ILE A 71 -21.36 -3.37 0.56
N ASN A 72 -21.05 -4.42 -0.22
CA ASN A 72 -19.68 -4.73 -0.63
C ASN A 72 -19.72 -5.28 -2.06
N PRO A 73 -20.03 -4.42 -3.05
CA PRO A 73 -20.17 -4.91 -4.44
C PRO A 73 -19.02 -5.72 -4.97
N LYS A 74 -17.78 -5.35 -4.62
CA LYS A 74 -16.64 -6.11 -5.13
C LYS A 74 -16.63 -7.53 -4.59
N GLY A 75 -17.39 -7.80 -3.53
CA GLY A 75 -17.63 -9.15 -3.07
C GLY A 75 -16.44 -9.90 -2.50
N LEU A 76 -15.39 -9.21 -2.07
CA LEU A 76 -14.23 -9.88 -1.49
C LEU A 76 -14.42 -10.02 0.01
N VAL A 77 -13.74 -11.02 0.58
CA VAL A 77 -13.52 -11.06 2.02
C VAL A 77 -12.03 -10.96 2.27
N PRO A 78 -11.65 -10.38 3.42
CA PRO A 78 -12.46 -9.82 4.47
C PRO A 78 -13.20 -8.54 4.11
N ALA A 79 -14.36 -8.36 4.73
CA ALA A 79 -15.04 -7.08 4.73
C ALA A 79 -15.68 -6.88 6.09
N ILE A 80 -15.99 -5.62 6.39
CA ILE A 80 -16.69 -5.29 7.61
C ILE A 80 -17.84 -4.37 7.31
N GLU A 81 -18.79 -4.37 8.23
CA GLU A 81 -19.82 -3.36 8.33
C GLU A 81 -19.75 -2.79 9.74
N TYR A 82 -19.66 -1.46 9.84
CA TYR A 82 -19.51 -0.83 11.14
C TYR A 82 -20.18 0.52 11.07
N LYS A 83 -21.20 0.72 11.89
CA LYS A 83 -21.90 2.01 11.96
C LYS A 83 -22.47 2.38 10.60
N GLY A 84 -22.97 1.38 9.88
CA GLY A 84 -23.62 1.61 8.62
C GLY A 84 -22.69 1.77 7.43
N LYS A 85 -21.37 1.76 7.65
CA LYS A 85 -20.38 1.89 6.60
C LYS A 85 -19.63 0.57 6.42
N ALA A 86 -19.14 0.33 5.20
CA ALA A 86 -18.45 -0.91 4.90
C ALA A 86 -17.09 -0.65 4.25
N MET A 87 -16.20 -1.62 4.42
CA MET A 87 -14.81 -1.50 4.01
C MET A 87 -14.29 -2.91 3.76
N TYR A 88 -13.26 -3.01 2.92
CA TYR A 88 -12.60 -4.26 2.62
C TYR A 88 -11.12 -3.97 2.45
N GLU A 89 -10.38 -4.99 1.99
CA GLU A 89 -8.92 -5.04 1.92
C GLU A 89 -8.31 -5.30 3.31
N SER A 90 -7.75 -6.50 3.48
CA SER A 90 -7.26 -6.99 4.77
C SER A 90 -6.38 -5.98 5.51
N LEU A 91 -5.38 -5.40 4.83
CA LEU A 91 -4.46 -4.52 5.55
C LEU A 91 -5.09 -3.17 5.87
N ILE A 92 -5.97 -2.69 5.00
CA ILE A 92 -6.74 -1.49 5.31
C ILE A 92 -7.60 -1.74 6.54
N LEU A 93 -8.23 -2.92 6.64
CA LEU A 93 -9.05 -3.26 7.79
C LEU A 93 -8.20 -3.29 9.05
N CYS A 94 -7.00 -3.86 8.94
CA CYS A 94 -6.11 -3.91 10.09
C CYS A 94 -5.79 -2.49 10.58
N GLU A 95 -5.44 -1.59 9.67
CA GLU A 95 -5.25 -0.19 10.04
C GLU A 95 -6.55 0.43 10.54
N PHE A 96 -7.69 0.04 10.00
CA PHE A 96 -8.94 0.60 10.49
C PHE A 96 -9.18 0.21 11.95
N PHE A 97 -8.81 -1.00 12.32
CA PHE A 97 -9.02 -1.43 13.70
C PHE A 97 -8.17 -0.60 14.64
N GLU A 98 -6.95 -0.31 14.23
CA GLU A 98 -6.12 0.57 15.05
C GLU A 98 -6.78 1.94 15.22
N ASP A 99 -7.33 2.51 14.14
CA ASP A 99 -7.89 3.85 14.24
C ASP A 99 -9.26 3.88 14.91
N ALA A 100 -10.09 2.87 14.69
CA ALA A 100 -11.47 2.92 15.13
C ALA A 100 -11.62 2.50 16.59
N PHE A 101 -10.61 1.82 17.14
CA PHE A 101 -10.65 1.26 18.49
C PHE A 101 -9.37 1.67 19.19
N PRO A 102 -9.18 2.97 19.41
CA PRO A 102 -7.85 3.47 19.78
C PRO A 102 -7.47 3.10 21.19
N GLU A 103 -8.42 2.67 22.01
CA GLU A 103 -8.11 2.26 23.37
C GLU A 103 -8.01 0.74 23.52
N HIS A 104 -8.16 -0.02 22.43
CA HIS A 104 -7.98 -1.46 22.48
C HIS A 104 -6.54 -1.78 22.06
N THR A 105 -5.70 -2.06 23.03
CA THR A 105 -4.32 -2.44 22.83
C THR A 105 -4.23 -3.96 22.54
N PRO A 106 -3.10 -4.43 21.96
CA PRO A 106 -1.94 -3.62 21.59
C PRO A 106 -2.11 -2.77 20.33
N HIS A 107 -1.23 -1.78 20.17
CA HIS A 107 -1.15 -0.98 18.94
C HIS A 107 -0.19 -1.69 18.00
N LEU A 108 -0.78 -2.34 17.00
CA LEU A 108 -0.04 -3.30 16.19
C LEU A 108 0.84 -2.66 15.13
N LEU A 109 0.74 -1.34 14.94
CA LEU A 109 1.74 -0.60 14.19
C LEU A 109 2.68 0.20 15.07
N THR A 110 2.63 0.01 16.40
CA THR A 110 3.22 0.85 17.43
C THR A 110 2.61 2.24 17.48
N THR A 111 3.03 3.02 18.45
CA THR A 111 2.58 4.39 18.62
C THR A 111 3.65 5.39 18.21
N ASP A 112 4.81 4.92 17.76
CA ASP A 112 5.91 5.80 17.36
C ASP A 112 5.82 6.10 15.86
N PRO A 113 5.79 7.37 15.44
CA PRO A 113 5.65 7.67 13.99
C PRO A 113 6.67 6.98 13.12
N PHE A 114 7.95 7.02 13.48
CA PHE A 114 8.91 6.38 12.60
C PHE A 114 8.71 4.87 12.54
N ASP A 115 8.54 4.22 13.68
CA ASP A 115 8.37 2.77 13.70
C ASP A 115 7.11 2.37 12.96
N ARG A 116 6.07 3.21 13.00
CA ARG A 116 4.87 2.93 12.22
C ARG A 116 5.20 2.88 10.75
N ALA A 117 6.00 3.84 10.28
CA ALA A 117 6.43 3.83 8.89
C ALA A 117 7.26 2.61 8.57
N TYR A 118 8.12 2.20 9.50
CA TYR A 118 8.95 1.00 9.34
C TYR A 118 8.08 -0.24 9.19
N VAL A 119 7.07 -0.35 10.05
CA VAL A 119 6.12 -1.44 9.99
C VAL A 119 5.39 -1.41 8.65
N ARG A 120 4.96 -0.22 8.20
CA ARG A 120 4.27 -0.13 6.92
C ARG A 120 5.17 -0.60 5.79
N LEU A 121 6.44 -0.22 5.84
CA LEU A 121 7.38 -0.60 4.79
C LEU A 121 7.50 -2.11 4.71
N TRP A 122 7.60 -2.78 5.86
CA TRP A 122 7.84 -4.21 5.82
C TRP A 122 6.55 -4.99 5.66
N VAL A 123 5.40 -4.43 6.05
CA VAL A 123 4.12 -5.02 5.64
C VAL A 123 4.02 -5.02 4.12
N ASP A 124 4.52 -3.94 3.50
CA ASP A 124 4.52 -3.89 2.04
C ASP A 124 5.40 -4.97 1.45
N HIS A 125 6.59 -5.16 2.00
CA HIS A 125 7.45 -6.19 1.46
C HIS A 125 6.77 -7.55 1.60
N VAL A 126 6.10 -7.80 2.72
CA VAL A 126 5.33 -9.03 2.85
C VAL A 126 4.23 -9.09 1.79
N SER A 127 3.50 -7.98 1.65
CA SER A 127 2.30 -7.93 0.84
C SER A 127 2.63 -8.00 -0.64
N LYS A 128 3.71 -7.32 -1.05
CA LYS A 128 4.02 -7.11 -2.46
C LYS A 128 5.06 -8.08 -3.00
N GLN A 129 5.90 -8.65 -2.14
CA GLN A 129 6.96 -9.55 -2.56
C GLN A 129 6.71 -10.98 -2.09
N ILE A 130 6.65 -11.20 -0.77
CA ILE A 130 6.67 -12.56 -0.23
C ILE A 130 5.42 -13.32 -0.64
N VAL A 131 4.26 -12.72 -0.46
CA VAL A 131 3.01 -13.44 -0.65
C VAL A 131 2.78 -13.71 -2.13
N PRO A 132 2.96 -12.72 -2.99
CA PRO A 132 2.88 -13.00 -4.43
C PRO A 132 3.82 -14.10 -4.91
N THR A 133 5.06 -14.14 -4.43
CA THR A 133 5.97 -15.22 -4.82
C THR A 133 5.42 -16.58 -4.36
N PHE A 134 5.02 -16.67 -3.11
CA PHE A 134 4.36 -17.87 -2.60
C PHE A 134 3.25 -18.32 -3.54
N MET A 135 2.47 -17.36 -4.03
CA MET A 135 1.33 -17.69 -4.85
C MET A 135 1.74 -18.11 -6.26
N ARG A 136 2.76 -17.46 -6.82
CA ARG A 136 3.31 -17.89 -8.09
C ARG A 136 3.88 -19.30 -7.99
N LEU A 137 4.40 -19.67 -6.81
CA LEU A 137 4.99 -21.00 -6.66
C LEU A 137 3.93 -22.07 -6.62
N VAL A 138 2.81 -21.80 -5.95
CA VAL A 138 1.69 -22.75 -5.96
C VAL A 138 1.21 -23.00 -7.38
N LEU A 139 0.95 -21.93 -8.13
CA LEU A 139 0.36 -22.04 -9.47
C LEU A 139 1.34 -22.56 -10.50
N ALA A 140 2.63 -22.31 -10.33
CA ALA A 140 3.59 -22.80 -11.30
C ALA A 140 3.47 -24.31 -11.43
N GLN A 141 3.62 -24.83 -12.66
CA GLN A 141 3.52 -26.28 -12.89
C GLN A 141 4.77 -26.89 -13.47
N GLU A 142 5.53 -26.04 -14.13
CA GLU A 142 6.73 -26.43 -14.84
C GLU A 142 7.97 -26.30 -14.00
N PRO A 143 8.83 -27.31 -14.00
CA PRO A 143 10.05 -27.13 -13.21
C PRO A 143 10.66 -25.76 -13.44
N GLU A 144 10.61 -25.27 -14.68
CA GLU A 144 11.14 -23.97 -15.06
C GLU A 144 10.64 -22.87 -14.13
N LYS A 145 9.34 -22.57 -14.17
CA LYS A 145 8.83 -21.48 -13.35
C LYS A 145 8.87 -21.83 -11.87
N GLN A 146 8.73 -23.11 -11.52
CA GLN A 146 8.69 -23.50 -10.12
C GLN A 146 10.07 -23.37 -9.48
N GLN A 147 11.12 -23.82 -10.17
CA GLN A 147 12.46 -23.66 -9.64
C GLN A 147 12.78 -22.18 -9.45
N GLU A 148 12.29 -21.34 -10.35
CA GLU A 148 12.55 -19.90 -10.26
C GLU A 148 11.79 -19.28 -9.09
N HIS A 149 10.51 -19.62 -8.94
CA HIS A 149 9.71 -19.00 -7.89
C HIS A 149 10.15 -19.47 -6.51
N LEU A 150 10.59 -20.72 -6.38
CA LEU A 150 11.07 -21.20 -5.09
C LEU A 150 12.36 -20.49 -4.68
N ALA A 151 13.30 -20.35 -5.62
CA ALA A 151 14.48 -19.55 -5.33
C ALA A 151 14.09 -18.13 -4.92
N ASP A 152 13.16 -17.54 -5.65
CA ASP A 152 12.68 -16.20 -5.32
C ASP A 152 12.09 -16.17 -3.92
N PHE A 153 11.31 -17.20 -3.60
CA PHE A 153 10.65 -17.27 -2.29
C PHE A 153 11.67 -17.26 -1.16
N TYR A 154 12.70 -18.11 -1.27
CA TYR A 154 13.74 -18.12 -0.24
C TYR A 154 14.43 -16.76 -0.14
N LYS A 155 14.67 -16.12 -1.28
CA LYS A 155 15.34 -14.83 -1.29
C LYS A 155 14.56 -13.81 -0.49
N GLY A 156 13.24 -13.79 -0.68
CA GLY A 156 12.41 -12.86 0.05
C GLY A 156 12.38 -13.18 1.53
N LEU A 157 12.41 -14.48 1.88
CA LEU A 157 12.37 -14.84 3.29
C LEU A 157 13.64 -14.40 4.01
N ARG A 158 14.81 -14.61 3.39
CA ARG A 158 16.04 -14.23 4.06
C ARG A 158 16.11 -12.72 4.24
N THR A 159 15.79 -11.99 3.18
CA THR A 159 15.72 -10.54 3.23
C THR A 159 14.89 -10.08 4.44
N LEU A 160 13.78 -10.78 4.71
CA LEU A 160 12.93 -10.43 5.83
C LEU A 160 13.56 -10.87 7.15
N THR A 161 14.03 -12.11 7.22
CA THR A 161 14.61 -12.57 8.49
C THR A 161 15.89 -11.84 8.82
N ASP A 162 16.54 -11.22 7.84
CA ASP A 162 17.64 -10.31 8.12
C ASP A 162 17.24 -9.16 9.04
N LYS A 163 15.95 -8.81 9.07
CA LYS A 163 15.49 -7.73 9.93
C LYS A 163 14.67 -8.21 11.11
N VAL A 164 14.29 -9.48 11.15
CA VAL A 164 13.56 -9.99 12.31
C VAL A 164 14.47 -9.93 13.52
N ARG A 165 14.03 -9.21 14.56
CA ARG A 165 14.78 -9.14 15.80
C ARG A 165 14.56 -10.36 16.67
N GLY A 166 13.33 -10.88 16.68
CA GLY A 166 13.01 -12.04 17.50
C GLY A 166 12.42 -11.71 18.87
N PRO A 167 11.43 -12.49 19.34
CA PRO A 167 10.79 -13.59 18.63
C PRO A 167 10.04 -13.12 17.38
N TYR A 168 9.60 -11.87 17.38
CA TYR A 168 8.79 -11.35 16.29
C TYR A 168 9.58 -10.32 15.50
N PHE A 169 8.97 -9.75 14.46
CA PHE A 169 9.70 -8.85 13.58
C PHE A 169 10.37 -7.72 14.35
N LEU A 170 9.60 -7.01 15.17
CA LEU A 170 10.18 -5.88 15.87
C LEU A 170 11.00 -6.27 17.09
N GLY A 171 11.00 -7.54 17.45
CA GLY A 171 11.51 -7.98 18.74
C GLY A 171 10.41 -8.59 19.58
N ALA A 172 10.29 -8.15 20.83
CA ALA A 172 9.26 -8.72 21.68
C ALA A 172 7.87 -8.26 21.27
N GLN A 173 7.77 -7.14 20.54
CA GLN A 173 6.48 -6.51 20.29
C GLN A 173 5.88 -7.09 19.01
N PHE A 174 4.75 -7.77 19.16
CA PHE A 174 3.98 -8.28 18.02
C PHE A 174 3.38 -7.14 17.22
N SER A 175 3.39 -7.27 15.87
CA SER A 175 3.05 -6.14 15.01
C SER A 175 2.39 -6.63 13.72
N LEU A 176 1.95 -5.66 12.92
CA LEU A 176 1.26 -5.97 11.68
C LEU A 176 2.18 -6.65 10.67
N VAL A 177 3.51 -6.48 10.76
CA VAL A 177 4.38 -7.27 9.90
C VAL A 177 4.15 -8.75 10.15
N ASP A 178 4.14 -9.14 11.42
CA ASP A 178 3.91 -10.54 11.78
C ASP A 178 2.56 -11.00 11.27
N ILE A 179 1.53 -10.20 11.51
CA ILE A 179 0.16 -10.53 11.12
C ILE A 179 0.04 -10.66 9.61
N ALA A 180 0.69 -9.78 8.86
CA ALA A 180 0.53 -9.82 7.40
C ALA A 180 1.04 -11.12 6.81
N LEU A 181 2.04 -11.74 7.46
CA LEU A 181 2.71 -12.94 6.95
C LEU A 181 2.19 -14.24 7.57
N ALA A 182 1.74 -14.20 8.83
CA ALA A 182 1.39 -15.43 9.56
C ALA A 182 0.53 -16.41 8.77
N PRO A 183 -0.56 -15.98 8.11
CA PRO A 183 -1.41 -16.96 7.42
C PRO A 183 -0.66 -17.81 6.41
N TRP A 184 0.38 -17.25 5.79
CA TRP A 184 1.13 -18.01 4.79
C TRP A 184 2.17 -18.91 5.44
N VAL A 185 2.62 -18.58 6.66
CA VAL A 185 3.36 -19.56 7.45
C VAL A 185 2.50 -20.76 7.77
N LEU A 186 1.24 -20.54 8.16
CA LEU A 186 0.32 -21.64 8.42
C LEU A 186 0.11 -22.51 7.18
N ARG A 187 0.29 -21.94 6.00
CA ARG A 187 0.01 -22.66 4.75
C ARG A 187 1.25 -23.21 4.09
N ASP A 188 2.42 -23.04 4.67
CA ASP A 188 3.60 -23.42 3.91
C ASP A 188 3.80 -24.92 3.85
N TYR A 189 2.96 -25.71 4.52
CA TYR A 189 2.97 -27.15 4.30
C TYR A 189 2.61 -27.50 2.86
N ILE A 190 1.79 -26.69 2.21
CA ILE A 190 1.49 -26.87 0.78
C ILE A 190 2.77 -26.86 -0.01
N LEU A 191 3.63 -25.88 0.24
CA LEU A 191 4.89 -25.79 -0.47
C LEU A 191 5.78 -26.96 -0.12
N ALA A 192 5.77 -27.37 1.15
CA ALA A 192 6.66 -28.44 1.55
C ALA A 192 6.26 -29.76 0.91
N GLU A 193 4.95 -30.00 0.78
CA GLU A 193 4.43 -31.24 0.25
C GLU A 193 4.39 -31.27 -1.26
N ASN A 194 4.55 -30.11 -1.91
CA ASN A 194 4.28 -30.04 -3.34
C ASN A 194 5.30 -29.24 -4.15
N ARG A 195 6.23 -28.48 -3.54
CA ARG A 195 7.08 -27.62 -4.34
C ARG A 195 8.53 -27.60 -3.86
N GLY A 196 8.96 -28.63 -3.13
CA GLY A 196 10.35 -28.73 -2.75
C GLY A 196 10.78 -27.82 -1.62
N TYR A 197 9.83 -27.13 -0.98
CA TYR A 197 10.11 -26.14 0.04
C TYR A 197 10.34 -26.80 1.40
N GLU A 198 11.24 -26.23 2.17
CA GLU A 198 11.43 -26.63 3.56
C GLU A 198 11.99 -25.44 4.34
N ARG A 199 11.41 -25.17 5.51
CA ARG A 199 11.82 -23.99 6.27
C ARG A 199 13.33 -23.97 6.49
N GLU A 200 13.93 -25.15 6.66
CA GLU A 200 15.33 -25.21 7.05
C GLU A 200 16.26 -24.68 5.96
N ALA A 201 15.81 -24.66 4.70
CA ALA A 201 16.59 -24.11 3.60
C ALA A 201 16.67 -22.59 3.65
N ALA A 202 15.74 -21.95 4.35
CA ALA A 202 15.69 -20.51 4.46
C ALA A 202 16.46 -19.97 5.67
N GLY A 203 17.05 -20.83 6.48
CA GLY A 203 17.92 -20.38 7.55
C GLY A 203 17.29 -20.55 8.92
N SER A 204 18.15 -20.74 9.93
CA SER A 204 17.67 -20.93 11.29
C SER A 204 16.72 -19.84 11.72
N ALA A 205 16.95 -18.60 11.25
CA ALA A 205 16.11 -17.48 11.67
C ALA A 205 14.70 -17.64 11.16
N TRP A 206 14.54 -18.03 9.89
CA TRP A 206 13.21 -18.33 9.39
C TRP A 206 12.56 -19.47 10.19
N VAL A 207 13.31 -20.52 10.51
CA VAL A 207 12.72 -21.61 11.28
C VAL A 207 12.12 -21.09 12.59
N ALA A 208 12.87 -20.26 13.30
CA ALA A 208 12.42 -19.78 14.59
C ALA A 208 11.25 -18.82 14.46
N TYR A 209 11.30 -17.92 13.47
CA TYR A 209 10.26 -16.92 13.29
C TYR A 209 8.94 -17.56 12.87
N ALA A 210 8.98 -18.51 11.94
CA ALA A 210 7.76 -19.24 11.60
C ALA A 210 7.17 -19.94 12.82
N LYS A 211 8.01 -20.56 13.66
CA LYS A 211 7.52 -21.17 14.89
C LYS A 211 6.82 -20.13 15.77
N ALA A 212 7.45 -18.96 15.94
CA ALA A 212 6.87 -17.89 16.76
C ALA A 212 5.54 -17.44 16.22
N LEU A 213 5.44 -17.28 14.89
CA LEU A 213 4.17 -16.85 14.29
C LEU A 213 3.08 -17.90 14.44
N GLU A 214 3.40 -19.18 14.20
CA GLU A 214 2.34 -20.16 14.18
C GLU A 214 1.91 -20.64 15.56
N THR A 215 2.63 -20.26 16.62
CA THR A 215 2.25 -20.55 18.00
C THR A 215 1.62 -19.35 18.68
N ARG A 216 1.42 -18.27 17.95
CA ARG A 216 0.79 -17.10 18.51
C ARG A 216 -0.68 -17.36 18.80
N GLU A 217 -1.11 -17.08 20.04
CA GLU A 217 -2.45 -17.47 20.44
C GLU A 217 -3.53 -16.96 19.49
N SER A 218 -3.46 -15.66 19.11
CA SER A 218 -4.45 -15.09 18.18
C SER A 218 -4.44 -15.82 16.84
N VAL A 219 -3.25 -16.23 16.39
CA VAL A 219 -3.13 -17.02 15.17
C VAL A 219 -3.83 -18.36 15.31
N LEU A 220 -3.54 -19.07 16.40
CA LEU A 220 -4.14 -20.38 16.63
C LEU A 220 -5.65 -20.28 16.64
N ARG A 221 -6.19 -19.19 17.20
CA ARG A 221 -7.63 -19.05 17.30
C ARG A 221 -8.30 -19.02 15.93
N THR A 222 -7.57 -18.61 14.88
CA THR A 222 -8.19 -18.47 13.56
C THR A 222 -7.90 -19.65 12.65
N GLN A 223 -7.29 -20.70 13.17
CA GLN A 223 -6.68 -21.73 12.33
C GLN A 223 -7.64 -22.90 12.18
N SER A 224 -8.03 -23.18 10.94
CA SER A 224 -8.87 -24.33 10.63
C SER A 224 -8.00 -25.53 10.27
N ASP A 225 -8.64 -26.68 10.08
CA ASP A 225 -7.85 -27.82 9.64
C ASP A 225 -7.29 -27.53 8.26
N LYS A 226 -6.22 -28.23 7.92
CA LYS A 226 -5.50 -28.00 6.69
C LYS A 226 -6.30 -28.43 5.46
N GLU A 227 -6.06 -27.72 4.37
CA GLU A 227 -6.60 -28.06 3.06
C GLU A 227 -5.55 -28.77 2.23
N HIS A 228 -6.01 -29.42 1.16
CA HIS A 228 -5.14 -30.09 0.21
C HIS A 228 -4.81 -29.16 -0.95
N TYR A 229 -3.77 -29.52 -1.69
CA TYR A 229 -3.37 -28.72 -2.84
C TYR A 229 -4.55 -28.36 -3.75
N ALA A 230 -5.66 -29.07 -3.65
CA ALA A 230 -6.89 -28.64 -4.31
C ALA A 230 -7.66 -27.60 -3.45
N HIS B 11 18.03 20.43 -12.38
CA HIS B 11 17.46 21.13 -11.25
C HIS B 11 16.03 21.62 -11.52
N ALA B 12 15.28 21.84 -10.44
CA ALA B 12 13.94 22.39 -10.56
C ALA B 12 13.93 23.71 -11.31
N THR B 13 12.80 23.99 -11.96
CA THR B 13 12.53 25.20 -12.72
C THR B 13 11.15 25.70 -12.35
N GLY B 14 10.79 26.86 -12.89
CA GLY B 14 9.48 27.45 -12.62
C GLY B 14 9.31 27.75 -11.14
N LEU B 15 8.05 27.62 -10.69
CA LEU B 15 7.74 27.83 -9.28
C LEU B 15 8.45 26.83 -8.38
N ALA B 16 8.65 25.61 -8.85
CA ALA B 16 9.38 24.64 -8.05
C ALA B 16 10.77 25.15 -7.72
N ALA B 17 11.40 25.90 -8.62
CA ALA B 17 12.73 26.43 -8.34
C ALA B 17 12.72 27.41 -7.16
N LYS B 18 11.68 28.24 -7.09
CA LYS B 18 11.46 29.09 -5.93
C LYS B 18 11.36 28.27 -4.66
N THR B 19 10.54 27.23 -4.70
CA THR B 19 10.36 26.41 -3.51
C THR B 19 11.67 25.76 -3.09
N VAL B 20 12.42 25.20 -4.02
CA VAL B 20 13.73 24.60 -3.70
C VAL B 20 14.64 25.65 -3.05
N GLU B 21 14.70 26.84 -3.64
CA GLU B 21 15.59 27.84 -3.07
C GLU B 21 15.17 28.25 -1.66
N GLN B 22 13.87 28.21 -1.34
CA GLN B 22 13.40 28.54 -0.01
C GLN B 22 13.62 27.43 1.01
N HIS B 23 14.09 26.25 0.58
CA HIS B 23 14.26 25.09 1.44
C HIS B 23 15.69 24.58 1.38
N GLN B 24 16.65 25.49 1.30
CA GLN B 24 18.07 25.13 1.35
C GLN B 24 18.62 25.03 2.77
N ALA B 25 18.01 25.73 3.71
CA ALA B 25 18.50 25.74 5.07
C ALA B 25 18.38 24.36 5.72
N PRO B 26 19.31 24.00 6.61
CA PRO B 26 19.18 22.71 7.34
C PRO B 26 17.90 22.66 8.17
N GLN B 27 17.36 21.45 8.34
CA GLN B 27 16.17 21.23 9.14
C GLN B 27 16.23 19.84 9.74
N ASP B 28 15.34 19.60 10.71
CA ASP B 28 15.31 18.27 11.31
C ASP B 28 14.88 17.23 10.28
N LEU B 29 14.01 17.63 9.36
CA LEU B 29 13.53 16.76 8.28
C LEU B 29 14.23 17.11 6.98
N VAL B 30 14.89 16.14 6.39
CA VAL B 30 15.58 16.30 5.11
C VAL B 30 14.83 15.47 4.08
N LEU B 31 14.40 16.11 3.00
CA LEU B 31 13.74 15.44 1.88
C LEU B 31 14.73 15.28 0.74
N TYR B 32 15.02 14.05 0.41
CA TYR B 32 15.87 13.72 -0.72
C TYR B 32 14.95 13.53 -1.92
N ALA B 33 15.12 14.38 -2.94
CA ALA B 33 14.13 14.59 -3.97
C ALA B 33 14.77 14.54 -5.35
N GLY B 34 13.93 14.31 -6.36
CA GLY B 34 14.25 14.65 -7.73
C GLY B 34 13.17 15.56 -8.27
N TRP B 35 13.56 16.66 -8.92
CA TRP B 35 12.58 17.65 -9.36
C TRP B 35 11.61 17.05 -10.38
N PHE B 36 12.05 16.03 -11.08
CA PHE B 36 11.34 15.42 -12.20
C PHE B 36 10.39 14.31 -11.77
N CYS B 37 10.47 13.89 -10.50
CA CYS B 37 9.93 12.61 -10.07
C CYS B 37 8.51 12.76 -9.54
N PRO B 38 7.52 12.06 -10.10
CA PRO B 38 6.14 12.29 -9.65
C PRO B 38 5.90 11.68 -8.30
N TYR B 39 6.66 10.65 -7.94
CA TYR B 39 6.52 10.08 -6.60
C TYR B 39 7.03 11.07 -5.57
N VAL B 40 8.15 11.72 -5.86
CA VAL B 40 8.65 12.79 -4.99
C VAL B 40 7.60 13.89 -4.83
N GLN B 41 6.97 14.29 -5.95
CA GLN B 41 5.96 15.34 -5.88
C GLN B 41 4.85 15.03 -4.88
N ARG B 42 4.47 13.76 -4.73
CA ARG B 42 3.44 13.41 -3.75
C ARG B 42 3.86 13.86 -2.37
N SER B 43 5.07 13.47 -1.99
CA SER B 43 5.54 13.73 -0.63
C SER B 43 5.83 15.21 -0.44
N TRP B 44 6.33 15.84 -1.50
CA TRP B 44 6.58 17.27 -1.51
C TRP B 44 5.29 18.06 -1.36
N ILE B 45 4.23 17.68 -2.07
CA ILE B 45 2.94 18.35 -1.91
C ILE B 45 2.46 18.28 -0.46
N SER B 46 2.60 17.12 0.19
CA SER B 46 2.16 16.98 1.58
C SER B 46 2.88 17.99 2.47
N LEU B 47 4.21 18.09 2.33
CA LEU B 47 4.97 19.03 3.15
C LEU B 47 4.52 20.46 2.90
N GLU B 48 4.29 20.83 1.65
CA GLU B 48 3.84 22.18 1.31
C GLU B 48 2.40 22.41 1.85
N GLU B 49 1.51 21.41 1.79
CA GLU B 49 0.18 21.56 2.37
C GLU B 49 0.25 21.85 3.87
N LYS B 50 1.11 21.14 4.58
CA LYS B 50 1.06 21.15 6.04
C LYS B 50 2.02 22.16 6.66
N GLY B 51 2.78 22.90 5.86
CA GLY B 51 3.73 23.85 6.42
C GLY B 51 4.81 23.23 7.29
N ILE B 52 5.15 21.98 7.05
CA ILE B 52 6.20 21.31 7.80
C ILE B 52 7.55 21.82 7.35
N PRO B 53 8.47 22.16 8.26
CA PRO B 53 9.80 22.57 7.79
C PRO B 53 10.58 21.40 7.22
N TYR B 54 11.33 21.67 6.18
CA TYR B 54 12.11 20.62 5.51
C TYR B 54 13.24 21.26 4.74
N GLN B 55 14.35 20.53 4.67
CA GLN B 55 15.42 20.85 3.74
C GLN B 55 15.29 19.99 2.49
N TYR B 56 15.29 20.63 1.32
CA TYR B 56 15.22 19.94 0.03
C TYR B 56 16.64 19.66 -0.47
N LYS B 57 16.96 18.39 -0.72
CA LYS B 57 18.20 17.99 -1.36
C LYS B 57 17.88 17.31 -2.70
N GLU B 58 18.46 17.82 -3.77
CA GLU B 58 18.29 17.26 -5.11
C GLU B 58 19.24 16.09 -5.31
N VAL B 59 18.69 14.93 -5.64
CA VAL B 59 19.47 13.72 -5.89
C VAL B 59 19.58 13.52 -7.38
N ASN B 60 20.80 13.48 -7.89
CA ASN B 60 21.05 13.15 -9.28
C ASN B 60 21.12 11.64 -9.39
N PRO B 61 20.12 10.97 -9.99
CA PRO B 61 20.15 9.49 -9.95
C PRO B 61 21.35 8.90 -10.64
N TYR B 62 21.91 9.61 -11.61
CA TYR B 62 23.11 9.14 -12.28
C TYR B 62 24.39 9.39 -11.47
N LYS B 63 24.30 10.12 -10.35
CA LYS B 63 25.48 10.29 -9.50
C LYS B 63 25.01 10.47 -8.05
N LYS B 64 24.54 9.38 -7.48
CA LYS B 64 24.02 9.44 -6.12
C LYS B 64 25.16 9.58 -5.10
N GLU B 65 24.93 10.40 -4.09
CA GLU B 65 25.98 10.67 -3.11
C GLU B 65 26.03 9.57 -2.06
N GLN B 66 27.17 9.49 -1.38
CA GLN B 66 27.41 8.35 -0.51
C GLN B 66 26.53 8.36 0.73
N HIS B 67 26.26 9.53 1.32
CA HIS B 67 25.41 9.52 2.52
C HIS B 67 24.03 9.03 2.19
N PHE B 68 23.46 9.50 1.06
CA PHE B 68 22.15 9.06 0.61
C PHE B 68 22.08 7.55 0.51
N LEU B 69 23.11 6.95 -0.10
CA LEU B 69 23.14 5.50 -0.26
C LEU B 69 23.34 4.76 1.06
N ASP B 70 24.09 5.35 2.00
CA ASP B 70 24.27 4.73 3.30
C ASP B 70 22.95 4.63 4.04
N ILE B 71 22.21 5.73 4.09
CA ILE B 71 20.94 5.75 4.82
C ILE B 71 19.79 5.16 4.00
N ASN B 72 19.94 5.08 2.67
CA ASN B 72 18.87 4.64 1.77
C ASN B 72 19.46 3.76 0.67
N PRO B 73 19.87 2.54 1.03
CA PRO B 73 20.61 1.71 0.07
C PRO B 73 19.81 1.34 -1.18
N LYS B 74 18.49 1.20 -1.08
CA LYS B 74 17.70 0.97 -2.29
C LYS B 74 17.72 2.16 -3.24
N GLY B 75 18.13 3.35 -2.79
CA GLY B 75 18.47 4.40 -3.72
C GLY B 75 17.32 5.15 -4.37
N LEU B 76 16.08 4.97 -3.90
CA LEU B 76 14.96 5.65 -4.55
C LEU B 76 14.72 7.02 -3.91
N VAL B 77 14.21 7.94 -4.70
CA VAL B 77 13.54 9.11 -4.18
C VAL B 77 12.04 8.98 -4.40
N PRO B 78 11.25 9.58 -3.51
CA PRO B 78 11.68 10.33 -2.32
C PRO B 78 12.17 9.48 -1.19
N ALA B 79 13.02 10.12 -0.38
CA ALA B 79 13.43 9.56 0.89
C ALA B 79 13.58 10.71 1.86
N ILE B 80 13.55 10.38 3.15
CA ILE B 80 13.76 11.37 4.20
C ILE B 80 14.79 10.87 5.19
N GLU B 81 15.49 11.80 5.80
CA GLU B 81 16.14 11.52 7.07
C GLU B 81 15.53 12.43 8.12
N TYR B 82 15.24 11.86 9.27
CA TYR B 82 14.55 12.57 10.34
C TYR B 82 15.06 12.02 11.65
N LYS B 83 15.54 12.92 12.52
CA LYS B 83 16.08 12.51 13.81
C LYS B 83 17.00 11.31 13.68
N GLY B 84 17.81 11.28 12.62
CA GLY B 84 18.82 10.26 12.43
C GLY B 84 18.37 8.97 11.76
N LYS B 85 17.09 8.82 11.44
CA LYS B 85 16.60 7.61 10.80
C LYS B 85 16.07 7.97 9.41
N ALA B 86 16.01 6.96 8.55
CA ALA B 86 15.68 7.20 7.15
C ALA B 86 14.51 6.32 6.74
N MET B 87 13.70 6.86 5.83
CA MET B 87 12.58 6.13 5.24
C MET B 87 12.41 6.52 3.77
N TYR B 88 11.83 5.61 3.00
CA TYR B 88 11.44 5.92 1.62
C TYR B 88 10.01 5.39 1.37
N GLU B 89 9.59 5.47 0.10
CA GLU B 89 8.25 5.18 -0.44
C GLU B 89 7.33 6.37 -0.23
N SER B 90 6.94 7.01 -1.34
CA SER B 90 6.18 8.25 -1.33
C SER B 90 4.94 8.21 -0.45
N LEU B 91 4.18 7.11 -0.49
CA LEU B 91 2.93 7.06 0.25
C LEU B 91 3.19 6.83 1.73
N ILE B 92 4.19 6.01 2.04
CA ILE B 92 4.60 5.82 3.44
C ILE B 92 5.07 7.16 4.02
N LEU B 93 5.85 7.95 3.25
CA LEU B 93 6.28 9.26 3.75
C LEU B 93 5.09 10.17 3.96
N CYS B 94 4.13 10.18 3.01
CA CYS B 94 2.95 11.00 3.25
C CYS B 94 2.27 10.62 4.56
N GLU B 95 2.14 9.32 4.84
CA GLU B 95 1.49 8.94 6.10
C GLU B 95 2.36 9.27 7.30
N PHE B 96 3.68 9.14 7.14
CA PHE B 96 4.60 9.51 8.20
C PHE B 96 4.49 10.98 8.55
N PHE B 97 4.31 11.85 7.55
CA PHE B 97 4.17 13.26 7.89
C PHE B 97 2.91 13.50 8.69
N GLU B 98 1.84 12.76 8.38
CA GLU B 98 0.63 12.87 9.18
C GLU B 98 0.89 12.47 10.62
N ASP B 99 1.64 11.38 10.84
CA ASP B 99 1.88 10.86 12.18
C ASP B 99 2.87 11.72 12.95
N ALA B 100 3.91 12.18 12.28
CA ALA B 100 5.04 12.76 12.98
C ALA B 100 4.86 14.23 13.26
N PHE B 101 3.98 14.91 12.54
CA PHE B 101 3.69 16.33 12.75
C PHE B 101 2.20 16.49 13.00
N PRO B 102 1.71 15.94 14.13
CA PRO B 102 0.26 15.79 14.32
C PRO B 102 -0.50 17.10 14.46
N GLU B 103 0.15 18.20 14.78
CA GLU B 103 -0.54 19.48 14.89
C GLU B 103 -0.38 20.35 13.64
N HIS B 104 0.28 19.83 12.59
CA HIS B 104 0.43 20.54 11.31
C HIS B 104 -0.69 20.12 10.38
N THR B 105 -1.80 20.83 10.49
CA THR B 105 -2.96 20.66 9.64
C THR B 105 -2.70 21.16 8.19
N PRO B 106 -3.49 20.71 7.20
CA PRO B 106 -4.64 19.80 7.23
C PRO B 106 -4.20 18.39 7.54
N HIS B 107 -5.10 17.60 8.11
CA HIS B 107 -4.91 16.16 8.24
C HIS B 107 -5.40 15.51 6.95
N LEU B 108 -4.44 15.08 6.11
CA LEU B 108 -4.76 14.68 4.74
C LEU B 108 -5.35 13.27 4.64
N LEU B 109 -5.45 12.54 5.76
CA LEU B 109 -6.23 11.32 5.81
C LEU B 109 -7.59 11.52 6.45
N THR B 110 -7.90 12.75 6.87
CA THR B 110 -8.95 13.10 7.82
C THR B 110 -8.66 12.49 9.21
N THR B 111 -9.41 12.95 10.20
CA THR B 111 -9.34 12.40 11.56
C THR B 111 -10.35 11.28 11.80
N ASP B 112 -11.18 10.97 10.78
CA ASP B 112 -12.30 10.04 10.94
C ASP B 112 -11.84 8.63 10.58
N PRO B 113 -12.01 7.63 11.45
CA PRO B 113 -11.42 6.32 11.11
C PRO B 113 -11.92 5.73 9.81
N PHE B 114 -13.20 5.83 9.50
CA PHE B 114 -13.66 5.20 8.27
C PHE B 114 -13.14 5.97 7.08
N ASP B 115 -13.24 7.30 7.12
CA ASP B 115 -12.76 8.11 6.00
C ASP B 115 -11.28 7.86 5.77
N ARG B 116 -10.51 7.67 6.84
CA ARG B 116 -9.10 7.33 6.68
C ARG B 116 -8.95 6.03 5.90
N ALA B 117 -9.79 5.03 6.20
CA ALA B 117 -9.74 3.78 5.46
C ALA B 117 -10.13 4.00 4.00
N TYR B 118 -11.16 4.81 3.77
CA TYR B 118 -11.65 5.10 2.42
C TYR B 118 -10.58 5.81 1.60
N VAL B 119 -9.87 6.75 2.23
CA VAL B 119 -8.74 7.41 1.59
C VAL B 119 -7.67 6.39 1.23
N ARG B 120 -7.30 5.53 2.16
CA ARG B 120 -6.30 4.55 1.83
C ARG B 120 -6.75 3.63 0.69
N LEU B 121 -8.03 3.26 0.68
CA LEU B 121 -8.53 2.38 -0.38
C LEU B 121 -8.36 3.03 -1.75
N TRP B 122 -8.77 4.27 -1.87
CA TRP B 122 -8.70 4.94 -3.16
C TRP B 122 -7.30 5.43 -3.52
N VAL B 123 -6.43 5.71 -2.53
CA VAL B 123 -5.00 5.85 -2.82
C VAL B 123 -4.49 4.57 -3.48
N ASP B 124 -4.91 3.40 -2.95
CA ASP B 124 -4.47 2.13 -3.54
C ASP B 124 -4.94 1.99 -4.98
N HIS B 125 -6.16 2.45 -5.29
CA HIS B 125 -6.61 2.39 -6.67
C HIS B 125 -5.71 3.24 -7.58
N VAL B 126 -5.31 4.41 -7.13
CA VAL B 126 -4.40 5.26 -7.90
C VAL B 126 -3.09 4.55 -8.15
N SER B 127 -2.55 3.92 -7.10
CA SER B 127 -1.22 3.31 -7.17
C SER B 127 -1.26 2.03 -7.99
N LYS B 128 -2.36 1.30 -7.93
CA LYS B 128 -2.42 -0.03 -8.52
C LYS B 128 -2.96 -0.01 -9.93
N GLN B 129 -3.92 0.86 -10.21
CA GLN B 129 -4.57 0.86 -11.50
C GLN B 129 -4.08 2.02 -12.37
N ILE B 130 -4.25 3.22 -11.88
CA ILE B 130 -4.08 4.42 -12.70
C ILE B 130 -2.63 4.62 -13.11
N VAL B 131 -1.73 4.73 -12.13
CA VAL B 131 -0.33 5.02 -12.45
C VAL B 131 0.32 3.94 -13.30
N PRO B 132 0.16 2.66 -13.01
CA PRO B 132 0.77 1.64 -13.88
C PRO B 132 0.27 1.70 -15.32
N THR B 133 -1.02 1.95 -15.51
CA THR B 133 -1.54 2.05 -16.86
C THR B 133 -0.99 3.28 -17.59
N PHE B 134 -0.80 4.41 -16.88
CA PHE B 134 -0.13 5.57 -17.46
C PHE B 134 1.22 5.15 -18.06
N MET B 135 2.03 4.45 -17.28
CA MET B 135 3.31 3.93 -17.76
C MET B 135 3.14 3.02 -18.97
N ARG B 136 2.25 2.02 -18.89
CA ARG B 136 2.09 1.07 -19.99
C ARG B 136 1.60 1.78 -21.24
N LEU B 137 0.82 2.83 -21.09
CA LEU B 137 0.39 3.57 -22.28
C LEU B 137 1.56 4.31 -22.90
N VAL B 138 2.43 4.94 -22.10
CA VAL B 138 3.58 5.60 -22.68
C VAL B 138 4.46 4.60 -23.41
N LEU B 139 4.60 3.39 -22.87
CA LEU B 139 5.51 2.43 -23.49
C LEU B 139 4.87 1.60 -24.58
N ALA B 140 3.58 1.73 -24.81
CA ALA B 140 2.95 0.96 -25.86
C ALA B 140 3.42 1.47 -27.23
N GLN B 141 3.72 0.53 -28.12
CA GLN B 141 4.35 0.85 -29.41
C GLN B 141 3.38 0.85 -30.59
N GLU B 142 2.60 -0.16 -30.71
CA GLU B 142 1.68 -0.24 -31.83
C GLU B 142 0.44 0.61 -31.55
N PRO B 143 -0.10 1.30 -32.57
CA PRO B 143 -1.34 2.06 -32.34
C PRO B 143 -2.43 1.22 -31.69
N GLU B 144 -2.55 -0.05 -32.06
CA GLU B 144 -3.58 -0.89 -31.48
C GLU B 144 -3.34 -1.08 -29.99
N LYS B 145 -2.10 -1.39 -29.62
CA LYS B 145 -1.80 -1.55 -28.20
C LYS B 145 -1.93 -0.22 -27.48
N GLN B 146 -1.59 0.88 -28.14
CA GLN B 146 -1.80 2.18 -27.52
C GLN B 146 -3.27 2.41 -27.26
N GLN B 147 -4.13 2.06 -28.21
CA GLN B 147 -5.55 2.27 -28.01
C GLN B 147 -6.09 1.40 -26.89
N GLU B 148 -5.59 0.17 -26.76
CA GLU B 148 -6.03 -0.72 -25.70
C GLU B 148 -5.64 -0.18 -24.34
N HIS B 149 -4.41 0.36 -24.21
CA HIS B 149 -3.97 0.89 -22.92
C HIS B 149 -4.64 2.20 -22.60
N LEU B 150 -4.99 2.99 -23.62
CA LEU B 150 -5.71 4.24 -23.39
C LEU B 150 -7.11 3.97 -22.90
N ALA B 151 -7.79 3.00 -23.50
CA ALA B 151 -9.09 2.58 -23.01
C ALA B 151 -9.02 2.15 -21.55
N ASP B 152 -7.97 1.40 -21.18
CA ASP B 152 -7.81 0.95 -19.80
C ASP B 152 -7.49 2.12 -18.88
N PHE B 153 -6.75 3.12 -19.36
CA PHE B 153 -6.53 4.35 -18.60
C PHE B 153 -7.84 5.06 -18.30
N TYR B 154 -8.67 5.30 -19.34
CA TYR B 154 -10.00 5.84 -19.12
C TYR B 154 -10.79 5.01 -18.10
N LYS B 155 -10.75 3.67 -18.21
CA LYS B 155 -11.51 2.83 -17.30
C LYS B 155 -11.09 3.09 -15.86
N GLY B 156 -9.77 3.16 -15.64
CA GLY B 156 -9.27 3.34 -14.28
C GLY B 156 -9.52 4.73 -13.75
N LEU B 157 -9.43 5.75 -14.63
CA LEU B 157 -9.80 7.10 -14.24
C LEU B 157 -11.26 7.17 -13.86
N ARG B 158 -12.11 6.50 -14.63
CA ARG B 158 -13.53 6.60 -14.43
C ARG B 158 -13.96 5.84 -13.17
N THR B 159 -13.28 4.75 -12.83
CA THR B 159 -13.58 4.08 -11.57
C THR B 159 -13.44 5.06 -10.39
N LEU B 160 -12.45 5.95 -10.46
CA LEU B 160 -12.19 6.96 -9.45
C LEU B 160 -13.15 8.14 -9.54
N THR B 161 -13.35 8.69 -10.73
CA THR B 161 -14.22 9.85 -10.83
C THR B 161 -15.66 9.51 -10.52
N ASP B 162 -16.04 8.24 -10.62
CA ASP B 162 -17.37 7.85 -10.15
C ASP B 162 -17.58 8.19 -8.68
N LYS B 163 -16.49 8.29 -7.91
CA LYS B 163 -16.57 8.50 -6.48
C LYS B 163 -16.15 9.90 -6.04
N VAL B 164 -15.64 10.74 -6.95
CA VAL B 164 -15.22 12.11 -6.62
C VAL B 164 -16.45 12.93 -6.27
N ARG B 165 -16.46 13.52 -5.06
CA ARG B 165 -17.61 14.31 -4.65
C ARG B 165 -17.55 15.72 -5.21
N GLY B 166 -16.36 16.29 -5.29
CA GLY B 166 -16.14 17.56 -5.94
C GLY B 166 -15.98 18.68 -4.91
N PRO B 167 -15.00 19.60 -5.11
CA PRO B 167 -14.03 19.63 -6.22
C PRO B 167 -13.00 18.53 -6.14
N TYR B 168 -12.73 18.06 -4.92
CA TYR B 168 -11.72 17.04 -4.66
C TYR B 168 -12.40 15.71 -4.38
N PHE B 169 -11.58 14.66 -4.17
CA PHE B 169 -12.15 13.33 -3.99
C PHE B 169 -13.20 13.29 -2.89
N LEU B 170 -12.85 13.78 -1.70
CA LEU B 170 -13.78 13.74 -0.58
C LEU B 170 -14.81 14.86 -0.63
N GLY B 171 -14.62 15.81 -1.51
CA GLY B 171 -15.43 17.00 -1.54
C GLY B 171 -14.55 18.22 -1.43
N ALA B 172 -14.89 19.07 -0.47
CA ALA B 172 -14.14 20.29 -0.22
C ALA B 172 -12.80 20.02 0.42
N GLN B 173 -12.68 18.90 1.13
CA GLN B 173 -11.50 18.54 1.91
C GLN B 173 -10.49 17.84 1.00
N PHE B 174 -9.36 18.50 0.75
CA PHE B 174 -8.23 17.91 0.04
C PHE B 174 -7.67 16.75 0.86
N SER B 175 -7.18 15.70 0.20
CA SER B 175 -6.75 14.50 0.88
C SER B 175 -5.63 13.81 0.10
N LEU B 176 -5.16 12.72 0.66
CA LEU B 176 -4.11 11.92 0.04
C LEU B 176 -4.53 11.28 -1.27
N VAL B 177 -5.83 11.05 -1.52
CA VAL B 177 -6.24 10.55 -2.82
C VAL B 177 -5.86 11.56 -3.89
N ASP B 178 -6.13 12.84 -3.62
CA ASP B 178 -5.82 13.91 -4.57
C ASP B 178 -4.32 14.00 -4.78
N ILE B 179 -3.57 13.93 -3.69
CA ILE B 179 -2.12 14.07 -3.76
C ILE B 179 -1.47 12.91 -4.49
N ALA B 180 -1.99 11.69 -4.28
CA ALA B 180 -1.39 10.52 -4.93
C ALA B 180 -1.47 10.65 -6.45
N LEU B 181 -2.55 11.21 -6.95
CA LEU B 181 -2.82 11.29 -8.38
C LEU B 181 -2.34 12.56 -9.04
N ALA B 182 -2.33 13.69 -8.33
CA ALA B 182 -2.05 14.98 -8.96
C ALA B 182 -0.80 15.02 -9.81
N PRO B 183 0.31 14.38 -9.44
CA PRO B 183 1.48 14.44 -10.31
C PRO B 183 1.22 13.94 -11.72
N TRP B 184 0.39 12.91 -11.88
CA TRP B 184 0.12 12.38 -13.21
C TRP B 184 -0.86 13.24 -14.00
N VAL B 185 -1.72 14.01 -13.33
CA VAL B 185 -2.47 15.04 -14.04
C VAL B 185 -1.53 16.04 -14.68
N LEU B 186 -0.52 16.48 -13.92
CA LEU B 186 0.44 17.45 -14.45
C LEU B 186 1.21 16.92 -15.65
N ARG B 187 1.25 15.60 -15.81
CA ARG B 187 2.03 14.96 -16.85
C ARG B 187 1.18 14.43 -17.98
N ASP B 188 -0.14 14.64 -17.93
CA ASP B 188 -1.00 13.99 -18.91
C ASP B 188 -0.95 14.70 -20.26
N TYR B 189 -0.25 15.82 -20.37
CA TYR B 189 0.00 16.38 -21.69
C TYR B 189 0.84 15.44 -22.54
N ILE B 190 1.67 14.63 -21.90
CA ILE B 190 2.45 13.61 -22.62
C ILE B 190 1.51 12.67 -23.36
N LEU B 191 0.43 12.27 -22.70
CA LEU B 191 -0.53 11.39 -23.33
C LEU B 191 -1.32 12.13 -24.40
N ALA B 192 -1.68 13.38 -24.14
CA ALA B 192 -2.46 14.13 -25.12
C ALA B 192 -1.64 14.34 -26.39
N GLU B 193 -0.34 14.60 -26.24
CA GLU B 193 0.48 14.91 -27.40
C GLU B 193 1.00 13.70 -28.14
N ASN B 194 1.09 12.53 -27.49
CA ASN B 194 1.72 11.37 -28.11
C ASN B 194 0.87 10.11 -28.16
N ARG B 195 -0.25 10.00 -27.43
CA ARG B 195 -0.97 8.74 -27.32
C ARG B 195 -2.49 8.88 -27.49
N GLY B 196 -2.96 9.98 -28.06
CA GLY B 196 -4.36 10.09 -28.45
C GLY B 196 -5.32 10.40 -27.33
N TYR B 197 -4.80 10.78 -26.17
CA TYR B 197 -5.63 11.01 -25.00
C TYR B 197 -6.21 12.41 -25.02
N GLU B 198 -7.43 12.53 -24.50
CA GLU B 198 -8.03 13.81 -24.17
C GLU B 198 -8.79 13.65 -22.88
N ARG B 199 -8.71 14.64 -22.00
CA ARG B 199 -9.42 14.54 -20.72
C ARG B 199 -10.91 14.33 -20.94
N GLU B 200 -11.47 15.01 -21.93
CA GLU B 200 -12.90 14.94 -22.19
C GLU B 200 -13.37 13.53 -22.49
N ALA B 201 -12.52 12.68 -23.08
CA ALA B 201 -12.99 11.36 -23.44
C ALA B 201 -13.15 10.45 -22.24
N ALA B 202 -12.64 10.84 -21.08
CA ALA B 202 -12.87 10.09 -19.86
C ALA B 202 -14.09 10.59 -19.10
N GLY B 203 -14.79 11.59 -19.60
CA GLY B 203 -15.99 12.09 -18.96
C GLY B 203 -15.79 13.46 -18.32
N SER B 204 -16.91 14.19 -18.19
CA SER B 204 -16.86 15.53 -17.62
C SER B 204 -16.32 15.56 -16.20
N ALA B 205 -16.60 14.52 -15.40
CA ALA B 205 -16.09 14.51 -14.03
C ALA B 205 -14.56 14.52 -14.02
N TRP B 206 -13.93 13.80 -14.94
CA TRP B 206 -12.48 13.85 -14.99
C TRP B 206 -11.99 15.24 -15.40
N VAL B 207 -12.66 15.87 -16.36
CA VAL B 207 -12.25 17.21 -16.76
C VAL B 207 -12.21 18.13 -15.55
N ALA B 208 -13.27 18.09 -14.73
CA ALA B 208 -13.37 19.00 -13.60
C ALA B 208 -12.38 18.64 -12.48
N TYR B 209 -12.20 17.36 -12.22
CA TYR B 209 -11.32 16.93 -11.14
C TYR B 209 -9.86 17.19 -11.50
N ALA B 210 -9.46 16.87 -12.74
CA ALA B 210 -8.10 17.21 -13.18
C ALA B 210 -7.83 18.69 -13.02
N LYS B 211 -8.79 19.52 -13.40
CA LYS B 211 -8.60 20.97 -13.25
C LYS B 211 -8.40 21.34 -11.80
N ALA B 212 -9.19 20.75 -10.90
CA ALA B 212 -9.03 21.04 -9.48
C ALA B 212 -7.66 20.62 -8.97
N LEU B 213 -7.15 19.47 -9.43
CA LEU B 213 -5.88 19.00 -8.89
C LEU B 213 -4.73 19.88 -9.38
N GLU B 214 -4.75 20.28 -10.64
CA GLU B 214 -3.61 21.00 -11.19
C GLU B 214 -3.60 22.48 -10.83
N THR B 215 -4.68 23.02 -10.30
CA THR B 215 -4.73 24.40 -9.82
C THR B 215 -4.50 24.52 -8.31
N ARG B 216 -4.40 23.41 -7.58
CA ARG B 216 -4.11 23.46 -6.16
C ARG B 216 -2.77 24.12 -5.93
N GLU B 217 -2.72 25.06 -4.99
CA GLU B 217 -1.54 25.89 -4.84
C GLU B 217 -0.32 25.05 -4.46
N SER B 218 -0.48 24.14 -3.50
CA SER B 218 0.64 23.29 -3.12
C SER B 218 1.18 22.54 -4.32
N VAL B 219 0.29 22.08 -5.21
CA VAL B 219 0.72 21.33 -6.40
C VAL B 219 1.54 22.24 -7.32
N LEU B 220 1.02 23.44 -7.56
CA LEU B 220 1.71 24.42 -8.41
C LEU B 220 3.11 24.74 -7.87
N ARG B 221 3.26 24.82 -6.54
CA ARG B 221 4.55 25.14 -5.95
C ARG B 221 5.59 24.06 -6.14
N THR B 222 5.18 22.84 -6.51
CA THR B 222 6.13 21.77 -6.74
C THR B 222 6.36 21.48 -8.21
N GLN B 223 5.78 22.28 -9.11
CA GLN B 223 5.76 22.00 -10.55
C GLN B 223 6.92 22.71 -11.26
N SER B 224 7.70 21.94 -12.03
CA SER B 224 8.72 22.49 -12.90
C SER B 224 8.19 22.68 -14.32
N ASP B 225 9.00 23.31 -15.17
CA ASP B 225 8.70 23.36 -16.60
C ASP B 225 8.45 21.96 -17.14
N LYS B 226 7.54 21.86 -18.11
CA LYS B 226 7.17 20.58 -18.70
C LYS B 226 8.36 19.94 -19.39
N GLU B 227 8.60 18.67 -19.09
CA GLU B 227 9.66 17.95 -19.79
C GLU B 227 9.18 17.42 -21.15
N HIS B 228 10.14 17.05 -21.97
CA HIS B 228 9.83 16.50 -23.28
C HIS B 228 9.57 15.00 -23.20
N TYR B 229 8.85 14.49 -24.21
CA TYR B 229 8.58 13.07 -24.28
C TYR B 229 9.85 12.24 -24.14
N ALA B 230 10.94 12.70 -24.77
CA ALA B 230 12.16 11.90 -24.77
C ALA B 230 12.66 11.71 -23.34
N GLN B 231 12.50 12.73 -22.50
CA GLN B 231 13.00 12.67 -21.14
C GLN B 231 12.21 11.66 -20.29
N ILE B 232 10.88 11.71 -20.35
CA ILE B 232 10.10 10.78 -19.54
C ILE B 232 10.25 9.35 -20.06
N TYR B 233 10.22 9.19 -21.39
CA TYR B 233 10.50 7.89 -21.99
C TYR B 233 11.85 7.37 -21.53
N ALA B 234 12.86 8.25 -21.49
CA ALA B 234 14.14 7.82 -20.96
C ALA B 234 14.03 7.36 -19.50
N ARG B 235 13.24 8.08 -18.69
CA ARG B 235 13.02 7.71 -17.29
C ARG B 235 12.42 6.32 -17.19
N TYR B 236 11.43 6.03 -18.05
CA TYR B 236 10.78 4.74 -18.01
C TYR B 236 11.73 3.63 -18.45
N LEU B 237 12.58 3.87 -19.45
CA LEU B 237 13.53 2.84 -19.82
C LEU B 237 14.56 2.56 -18.73
N ARG B 238 14.98 3.60 -17.99
CA ARG B 238 15.86 3.40 -16.84
C ARG B 238 15.17 2.59 -15.75
N ASN B 239 13.90 2.89 -15.46
CA ASN B 239 13.14 2.06 -14.54
C ASN B 239 13.09 0.60 -15.01
N GLU B 240 12.86 0.37 -16.31
CA GLU B 240 12.91 -0.99 -16.85
C GLU B 240 14.28 -1.62 -16.64
N ALA B 241 15.34 -0.86 -16.89
CA ALA B 241 16.69 -1.36 -16.72
C ALA B 241 16.99 -1.69 -15.28
N GLN B 242 16.28 -1.08 -14.32
CA GLN B 242 16.46 -1.36 -12.90
C GLN B 242 15.50 -2.43 -12.40
N SER B 243 14.71 -3.02 -13.30
CA SER B 243 13.58 -3.89 -12.96
C SER B 243 14.06 -5.24 -12.43
N1 GSH C . -6.42 -7.83 -1.58
CA1 GSH C . -7.47 -8.52 -0.88
C1 GSH C . -7.23 -8.38 0.62
O11 GSH C . -8.21 -8.47 1.37
O12 GSH C . -6.07 -8.11 1.04
CB1 GSH C . -7.49 -10.00 -1.27
CG1 GSH C . -8.78 -10.63 -0.73
CD1 GSH C . -9.13 -11.90 -1.51
OE1 GSH C . -8.56 -12.23 -2.52
N2 GSH C . -10.20 -12.69 -0.98
CA2 GSH C . -10.66 -13.89 -1.64
C2 GSH C . -12.04 -13.56 -2.15
O2 GSH C . -12.84 -13.00 -1.46
CB2 GSH C . -10.77 -15.06 -0.63
SG2 GSH C . -9.13 -15.65 -0.11
N3 GSH C . -12.39 -13.89 -3.52
CA3 GSH C . -13.72 -13.60 -4.03
C3 GSH C . -14.48 -14.92 -4.24
O31 GSH C . -15.73 -14.92 -4.33
O32 GSH C . -13.83 -16.00 -4.30
HN11 GSH C . -5.71 -8.37 -1.68
HN12 GSH C . -6.71 -7.58 -2.38
HA1 GSH C . -8.33 -8.13 -1.10
HB12 GSH C . -7.47 -10.09 -2.23
HB13 GSH C . -6.73 -10.46 -0.88
HG12 GSH C . -8.65 -10.85 0.21
HG13 GSH C . -9.50 -9.99 -0.82
HN2 GSH C . -10.60 -12.42 -0.27
HA2 GSH C . -10.07 -14.13 -2.37
HB22 GSH C . -11.26 -15.79 -1.05
HB23 GSH C . -11.26 -14.76 0.15
HN3 GSH C . -11.82 -14.30 -4.02
HA31 GSH C . -14.19 -13.04 -3.40
HA32 GSH C . -13.64 -13.14 -4.88
N1 GSH D . 7.38 3.15 -5.20
CA1 GSH D . 8.27 4.29 -5.10
C1 GSH D . 7.58 5.43 -4.38
O11 GSH D . 8.30 6.32 -3.86
O12 GSH D . 6.33 5.49 -4.30
CB1 GSH D . 8.68 4.78 -6.50
CG1 GSH D . 9.84 5.76 -6.39
CD1 GSH D . 10.71 5.75 -7.67
OE1 GSH D . 10.68 4.84 -8.46
N2 GSH D . 11.57 6.88 -7.94
CA2 GSH D . 12.46 6.94 -9.09
C2 GSH D . 13.85 6.59 -8.56
O2 GSH D . 14.31 7.14 -7.60
CB2 GSH D . 12.53 8.34 -9.66
SG2 GSH D . 10.91 8.94 -10.25
N3 GSH D . 14.61 5.61 -9.29
CA3 GSH D . 15.95 5.20 -8.92
C3 GSH D . 16.97 5.71 -9.97
O31 GSH D . 18.18 5.46 -9.79
O32 GSH D . 16.64 6.35 -11.01
HN11 GSH D . 7.78 2.50 -5.66
HN12 GSH D . 6.64 3.39 -5.63
HA1 GSH D . 9.07 4.03 -4.62
HB12 GSH D . 8.94 4.02 -7.03
HB13 GSH D . 7.93 5.22 -6.92
HG12 GSH D . 9.50 6.65 -6.24
HG13 GSH D . 10.41 5.51 -5.63
HN2 GSH D . 11.60 7.52 -7.37
HA2 GSH D . 12.18 6.30 -9.77
HB22 GSH D . 13.14 8.34 -10.41
HB23 GSH D . 12.86 8.94 -8.98
HN3 GSH D . 14.24 5.26 -9.98
HA31 GSH D . 16.18 5.57 -8.06
HA32 GSH D . 15.98 4.23 -8.88
#